data_7KUD
#
_entry.id   7KUD
#
_entity_poly.entity_id   1
_entity_poly.type   'polyribonucleotide'
_entity_poly.pdbx_seq_one_letter_code
;GGUUUCGGGAACC
;
_entity_poly.pdbx_strand_id   A
#
loop_
_chem_comp.id
_chem_comp.type
_chem_comp.name
_chem_comp.formula
A RNA linking ADENOSINE-5'-MONOPHOSPHATE 'C10 H14 N5 O7 P'
C RNA linking CYTIDINE-5'-MONOPHOSPHATE 'C9 H14 N3 O8 P'
G RNA linking GUANOSINE-5'-MONOPHOSPHATE 'C10 H14 N5 O8 P'
U RNA linking URIDINE-5'-MONOPHOSPHATE 'C9 H13 N2 O9 P'
#